data_5UUG
#
_entry.id   5UUG
#
_cell.length_a   124.715
_cell.length_b   55.661
_cell.length_c   47.991
_cell.angle_alpha   90.000
_cell.angle_beta   112.200
_cell.angle_gamma   90.000
#
_symmetry.space_group_name_H-M   'C 1 2 1'
#
loop_
_entity.id
_entity.type
_entity.pdbx_description
1 polymer 'DNA-7-methylguanine glycosylase'
2 polymer "DNA (5'-D(*AP*GP*GP*CP*AP*(ORP)P*AP*GP*C)-3')"
3 polymer "DNA (5'-D(*TP*GP*CP*TP*TP*TP*GP*CP*C)-3')"
4 non-polymer 'CALCIUM ION'
5 non-polymer 'yatakemycin-adenine nucleobase adduct'
6 water water
#
loop_
_entity_poly.entity_id
_entity_poly.type
_entity_poly.pdbx_seq_one_letter_code
_entity_poly.pdbx_strand_id
1 'polypeptide(L)'
;GPVPMHPFVKALQEHFTAHQNPEKAEPMARYMKNHFLFLGIQTPERRQLLKDIIQIHTLPDQKDFQIIIRELWDLPEREF
QAAALDIMQKYKKHINETHIPFLEELIVTKSWWDSVDSIVPTFLGDIFLKHPELISAYIPKWIASDNIWLQRAAILFQLK
YKQKMDEELLFWIIGQLHSSKEFFIQKAIGWVLREYAKTNPDVVWEYVQNNELAPLSKREAIKHIKQNYGINNEKIGETL
S
;
A
2 'polydeoxyribonucleotide' (DA)(DG)(DG)(DC)(DA)(ORP)(DA)(DG)(DC) B
3 'polydeoxyribonucleotide' (DT)(DG)(DC)(DT)(DT)(DT)(DG)(DC)(DC) C
#
loop_
_chem_comp.id
_chem_comp.type
_chem_comp.name
_chem_comp.formula
CA non-polymer 'CALCIUM ION' 'Ca 2'
DA DNA linking 2'-DEOXYADENOSINE-5'-MONOPHOSPHATE 'C10 H14 N5 O6 P'
DC DNA linking 2'-DEOXYCYTIDINE-5'-MONOPHOSPHATE 'C9 H14 N3 O7 P'
DG DNA linking 2'-DEOXYGUANOSINE-5'-MONOPHOSPHATE 'C10 H14 N5 O7 P'
DT DNA linking THYMIDINE-5'-MONOPHOSPHATE 'C10 H15 N2 O8 P'
ORP saccharide 2-DEOXY-5-PHOSPHONO-RIBOSE 'C5 H11 O7 P'
YTA non-polymer 'yatakemycin-adenine nucleobase adduct' 'C40 H34 N10 O8 S'
#
# COMPACT_ATOMS: atom_id res chain seq x y z
N VAL A 3 -15.47 14.86 -14.88
CA VAL A 3 -16.39 15.03 -13.74
C VAL A 3 -16.94 13.66 -13.31
N PRO A 4 -16.95 13.36 -11.99
CA PRO A 4 -17.47 12.05 -11.59
C PRO A 4 -18.95 11.92 -11.94
N MET A 5 -19.40 10.73 -12.31
CA MET A 5 -20.77 10.53 -12.71
C MET A 5 -21.54 9.50 -11.84
N HIS A 6 -20.85 8.63 -11.11
CA HIS A 6 -21.57 7.67 -10.27
C HIS A 6 -22.19 8.40 -9.07
N PRO A 7 -23.48 8.15 -8.77
CA PRO A 7 -24.16 8.94 -7.73
C PRO A 7 -23.51 8.82 -6.36
N PHE A 8 -22.94 7.67 -6.04
CA PHE A 8 -22.28 7.48 -4.76
C PHE A 8 -21.03 8.36 -4.65
N VAL A 9 -20.29 8.45 -5.74
CA VAL A 9 -19.09 9.28 -5.78
C VAL A 9 -19.44 10.75 -5.72
N LYS A 10 -20.47 11.17 -6.47
CA LYS A 10 -20.95 12.54 -6.39
C LYS A 10 -21.36 12.90 -4.96
N ALA A 11 -22.11 12.01 -4.30
CA ALA A 11 -22.53 12.27 -2.92
C ALA A 11 -21.34 12.40 -1.98
N LEU A 12 -20.36 11.51 -2.14
CA LEU A 12 -19.16 11.53 -1.32
C LEU A 12 -18.37 12.83 -1.55
N GLN A 13 -18.30 13.25 -2.80
CA GLN A 13 -17.51 14.42 -3.14
C GLN A 13 -18.13 15.66 -2.51
N GLU A 14 -19.46 15.76 -2.61
CA GLU A 14 -20.18 16.88 -1.99
C GLU A 14 -19.98 16.91 -0.47
N HIS A 15 -20.11 15.74 0.17
CA HIS A 15 -20.06 15.64 1.62
C HIS A 15 -18.65 15.90 2.15
N PHE A 16 -17.64 15.39 1.46
CA PHE A 16 -16.26 15.70 1.84
C PHE A 16 -15.98 17.19 1.67
N THR A 17 -16.39 17.75 0.54
CA THR A 17 -16.06 19.13 0.22
C THR A 17 -16.69 20.07 1.25
N ALA A 18 -17.92 19.73 1.67
CA ALA A 18 -18.63 20.51 2.65
C ALA A 18 -17.96 20.49 4.03
N HIS A 19 -17.09 19.52 4.28
CA HIS A 19 -16.44 19.38 5.58
C HIS A 19 -14.92 19.60 5.49
N GLN A 20 -14.50 20.33 4.48
CA GLN A 20 -13.07 20.60 4.30
C GLN A 20 -12.59 21.57 5.39
N ASN A 21 -11.29 21.55 5.64
CA ASN A 21 -10.63 22.40 6.64
C ASN A 21 -9.36 22.99 6.02
N PRO A 22 -9.44 24.22 5.49
CA PRO A 22 -8.27 24.76 4.77
C PRO A 22 -7.04 24.92 5.65
N GLU A 23 -7.23 25.11 6.95
CA GLU A 23 -6.09 25.23 7.87
C GLU A 23 -5.33 23.92 8.05
N LYS A 24 -5.98 22.78 7.79
CA LYS A 24 -5.29 21.50 7.82
C LYS A 24 -4.76 21.14 6.45
N ALA A 25 -5.40 21.67 5.41
CA ALA A 25 -5.06 21.26 4.05
C ALA A 25 -3.60 21.56 3.71
N GLU A 26 -3.10 22.71 4.15
CA GLU A 26 -1.75 23.12 3.77
C GLU A 26 -0.66 22.21 4.38
N PRO A 27 -0.69 22.02 5.71
CA PRO A 27 0.33 21.14 6.28
C PRO A 27 0.15 19.68 5.84
N MET A 28 -1.07 19.24 5.58
CA MET A 28 -1.28 17.87 5.12
C MET A 28 -0.63 17.71 3.74
N ALA A 29 -0.82 18.69 2.87
CA ALA A 29 -0.24 18.60 1.54
C ALA A 29 1.30 18.68 1.59
N ARG A 30 1.84 19.50 2.50
CA ARG A 30 3.30 19.58 2.64
C ARG A 30 3.93 18.25 3.11
N TYR A 31 3.21 17.51 3.92
CA TYR A 31 3.71 16.25 4.45
C TYR A 31 3.92 15.26 3.33
N MET A 32 3.08 15.33 2.28
CA MET A 32 3.25 14.46 1.11
C MET A 32 4.02 15.16 -0.01
N LYS A 33 4.93 16.06 0.36
CA LYS A 33 5.86 16.75 -0.57
C LYS A 33 5.13 17.55 -1.67
N ASN A 34 3.92 18.01 -1.32
CA ASN A 34 3.06 18.81 -2.20
C ASN A 34 2.82 18.13 -3.54
N HIS A 35 2.78 16.80 -3.53
CA HIS A 35 2.41 16.08 -4.74
C HIS A 35 0.93 16.16 -5.03
N PHE A 36 0.14 16.39 -3.98
CA PHE A 36 -1.33 16.39 -4.07
C PHE A 36 -1.98 17.56 -3.35
N LEU A 37 -3.08 18.06 -3.89
CA LEU A 37 -4.00 18.87 -3.11
C LEU A 37 -4.66 18.03 -2.04
N PHE A 38 -5.03 18.70 -0.94
CA PHE A 38 -5.80 18.11 0.15
C PHE A 38 -6.99 18.99 0.49
N LEU A 39 -8.09 18.36 0.90
CA LEU A 39 -9.22 19.07 1.49
C LEU A 39 -8.97 19.50 2.95
N GLY A 40 -8.15 18.72 3.65
CA GLY A 40 -7.85 18.94 5.04
C GLY A 40 -8.69 18.08 5.97
N ILE A 41 -8.83 16.81 5.62
CA ILE A 41 -9.67 15.88 6.40
C ILE A 41 -8.84 14.68 6.81
N GLN A 42 -8.58 14.57 8.12
CA GLN A 42 -7.72 13.53 8.65
C GLN A 42 -8.51 12.24 8.77
N THR A 43 -7.81 11.14 9.06
CA THR A 43 -8.41 9.81 8.91
C THR A 43 -9.71 9.55 9.73
N PRO A 44 -9.74 9.90 11.04
CA PRO A 44 -10.99 9.64 11.76
C PRO A 44 -12.21 10.30 11.14
N GLU A 45 -12.10 11.58 10.80
CA GLU A 45 -13.23 12.30 10.19
CA GLU A 45 -13.20 12.30 10.19
C GLU A 45 -13.54 11.76 8.79
N ARG A 46 -12.50 11.42 8.02
CA ARG A 46 -12.69 10.93 6.67
C ARG A 46 -13.52 9.63 6.68
N ARG A 47 -13.21 8.75 7.61
CA ARG A 47 -13.93 7.48 7.67
C ARG A 47 -15.37 7.65 8.12
N GLN A 48 -15.61 8.63 8.99
CA GLN A 48 -16.99 8.87 9.46
C GLN A 48 -17.82 9.52 8.37
N LEU A 49 -17.24 10.42 7.60
CA LEU A 49 -17.94 10.98 6.44
C LEU A 49 -18.33 9.94 5.42
N LEU A 50 -17.43 8.99 5.14
CA LEU A 50 -17.76 7.86 4.28
C LEU A 50 -18.90 7.05 4.89
N LYS A 51 -18.82 6.80 6.19
CA LYS A 51 -19.88 6.07 6.86
C LYS A 51 -21.25 6.76 6.73
N ASP A 52 -21.26 8.09 6.78
CA ASP A 52 -22.50 8.82 6.63
C ASP A 52 -23.15 8.49 5.27
N ILE A 53 -22.31 8.42 4.26
CA ILE A 53 -22.80 8.28 2.88
C ILE A 53 -23.29 6.87 2.69
N ILE A 54 -22.58 5.90 3.25
CA ILE A 54 -23.05 4.53 3.19
C ILE A 54 -24.38 4.36 3.92
N GLN A 55 -24.56 5.04 5.05
CA GLN A 55 -25.81 4.89 5.78
C GLN A 55 -27.00 5.50 5.03
N ILE A 56 -26.74 6.55 4.25
CA ILE A 56 -27.79 7.15 3.44
C ILE A 56 -28.14 6.32 2.19
N HIS A 57 -27.12 5.96 1.43
CA HIS A 57 -27.34 5.41 0.09
C HIS A 57 -27.22 3.89 0.03
N THR A 58 -26.64 3.32 1.09
CA THR A 58 -26.25 1.91 1.17
C THR A 58 -25.01 1.71 0.31
N LEU A 59 -24.28 0.63 0.58
CA LEU A 59 -23.13 0.28 -0.22
C LEU A 59 -23.54 -0.11 -1.64
N PRO A 60 -22.94 0.52 -2.65
CA PRO A 60 -23.34 0.12 -4.01
C PRO A 60 -23.09 -1.36 -4.32
N ASP A 61 -23.77 -1.85 -5.34
CA ASP A 61 -23.63 -3.24 -5.76
C ASP A 61 -22.18 -3.51 -6.13
N GLN A 62 -21.72 -4.75 -5.97
CA GLN A 62 -20.32 -5.08 -6.18
C GLN A 62 -19.90 -4.87 -7.65
N LYS A 63 -20.86 -4.93 -8.56
CA LYS A 63 -20.57 -4.66 -9.98
C LYS A 63 -20.01 -3.25 -10.21
N ASP A 64 -20.26 -2.34 -9.27
CA ASP A 64 -19.85 -0.94 -9.42
C ASP A 64 -18.55 -0.61 -8.71
N PHE A 65 -17.93 -1.55 -8.00
CA PHE A 65 -16.91 -1.10 -7.04
C PHE A 65 -15.67 -0.56 -7.77
N GLN A 66 -15.33 -1.11 -8.94
CA GLN A 66 -14.18 -0.60 -9.70
C GLN A 66 -14.50 0.77 -10.32
N ILE A 67 -15.72 0.94 -10.81
CA ILE A 67 -16.19 2.24 -11.30
C ILE A 67 -15.99 3.33 -10.23
N ILE A 68 -16.46 3.06 -9.02
CA ILE A 68 -16.39 4.02 -7.91
C ILE A 68 -14.96 4.37 -7.52
N ILE A 69 -14.12 3.35 -7.43
CA ILE A 69 -12.74 3.55 -7.05
C ILE A 69 -12.03 4.35 -8.13
N ARG A 70 -12.30 4.02 -9.38
CA ARG A 70 -11.65 4.75 -10.48
C ARG A 70 -12.00 6.21 -10.46
N GLU A 71 -13.28 6.52 -10.24
CA GLU A 71 -13.73 7.91 -10.27
C GLU A 71 -13.11 8.71 -9.11
N LEU A 72 -13.03 8.07 -7.95
CA LEU A 72 -12.36 8.67 -6.79
C LEU A 72 -10.85 8.88 -7.04
N TRP A 73 -10.23 7.94 -7.74
CA TRP A 73 -8.81 8.07 -8.06
C TRP A 73 -8.54 9.29 -8.96
N ASP A 74 -9.50 9.68 -9.80
CA ASP A 74 -9.31 10.82 -10.68
C ASP A 74 -9.57 12.18 -10.05
N LEU A 75 -10.14 12.22 -8.84
CA LEU A 75 -10.41 13.50 -8.19
C LEU A 75 -9.11 14.06 -7.63
N PRO A 76 -8.95 15.40 -7.60
CA PRO A 76 -7.64 15.99 -7.29
C PRO A 76 -7.18 15.81 -5.85
N GLU A 77 -8.10 15.92 -4.89
CA GLU A 77 -7.70 15.89 -3.50
C GLU A 77 -7.41 14.47 -2.99
N ARG A 78 -6.38 14.36 -2.18
CA ARG A 78 -5.82 13.08 -1.84
C ARG A 78 -6.75 12.24 -0.98
N GLU A 79 -7.60 12.89 -0.20
CA GLU A 79 -8.51 12.13 0.65
C GLU A 79 -9.44 11.24 -0.18
N PHE A 80 -9.67 11.59 -1.44
CA PHE A 80 -10.55 10.77 -2.25
C PHE A 80 -9.88 9.43 -2.59
N GLN A 81 -8.54 9.39 -2.69
CA GLN A 81 -7.87 8.11 -2.91
C GLN A 81 -7.85 7.29 -1.63
N ALA A 82 -7.60 7.95 -0.51
CA ALA A 82 -7.65 7.26 0.79
C ALA A 82 -9.06 6.70 1.02
N ALA A 83 -10.10 7.47 0.70
CA ALA A 83 -11.47 6.96 0.84
C ALA A 83 -11.75 5.80 -0.12
N ALA A 84 -11.20 5.84 -1.32
CA ALA A 84 -11.45 4.79 -2.29
C ALA A 84 -10.89 3.47 -1.77
N LEU A 85 -9.77 3.56 -1.07
CA LEU A 85 -9.17 2.38 -0.47
C LEU A 85 -9.98 1.90 0.74
N ASP A 86 -10.56 2.82 1.53
CA ASP A 86 -11.50 2.42 2.58
C ASP A 86 -12.70 1.68 1.98
N ILE A 87 -13.16 2.16 0.83
CA ILE A 87 -14.27 1.53 0.13
C ILE A 87 -13.89 0.14 -0.39
N MET A 88 -12.70 0.04 -0.95
CA MET A 88 -12.25 -1.26 -1.48
C MET A 88 -12.22 -2.30 -0.35
N GLN A 89 -11.90 -1.89 0.87
CA GLN A 89 -11.90 -2.81 1.98
C GLN A 89 -13.31 -3.39 2.24
N LYS A 90 -14.34 -2.65 1.87
CA LYS A 90 -15.71 -3.08 2.15
C LYS A 90 -16.21 -4.07 1.11
N TYR A 91 -15.42 -4.25 0.06
CA TYR A 91 -15.73 -5.21 -0.99
C TYR A 91 -14.75 -6.38 -1.01
N LYS A 92 -14.00 -6.58 0.06
CA LYS A 92 -12.87 -7.49 -0.02
C LYS A 92 -13.29 -8.94 -0.27
N LYS A 93 -14.50 -9.32 0.13
CA LYS A 93 -14.99 -10.65 -0.14
C LYS A 93 -15.13 -10.93 -1.64
N HIS A 94 -15.16 -9.87 -2.45
CA HIS A 94 -15.38 -9.97 -3.89
C HIS A 94 -14.10 -9.76 -4.66
N ILE A 95 -13.00 -9.49 -3.96
CA ILE A 95 -11.71 -9.27 -4.60
C ILE A 95 -10.94 -10.58 -4.68
N ASN A 96 -10.44 -10.87 -5.88
CA ASN A 96 -9.73 -12.11 -6.12
C ASN A 96 -8.59 -11.92 -7.13
N GLU A 97 -8.07 -13.03 -7.64
CA GLU A 97 -6.88 -12.97 -8.48
C GLU A 97 -7.12 -12.20 -9.78
N THR A 98 -8.38 -12.13 -10.23
CA THR A 98 -8.67 -11.45 -11.49
C THR A 98 -8.52 -9.93 -11.34
N HIS A 99 -8.40 -9.47 -10.10
CA HIS A 99 -8.30 -8.05 -9.80
C HIS A 99 -6.86 -7.60 -9.63
N ILE A 100 -5.89 -8.50 -9.77
CA ILE A 100 -4.50 -8.08 -9.60
C ILE A 100 -4.14 -6.95 -10.61
N PRO A 101 -4.54 -7.07 -11.89
CA PRO A 101 -4.17 -5.97 -12.79
C PRO A 101 -4.78 -4.61 -12.39
N PHE A 102 -6.00 -4.62 -11.86
CA PHE A 102 -6.64 -3.39 -11.34
C PHE A 102 -5.81 -2.78 -10.21
N LEU A 103 -5.33 -3.63 -9.29
CA LEU A 103 -4.48 -3.19 -8.20
C LEU A 103 -3.13 -2.66 -8.70
N GLU A 104 -2.57 -3.28 -9.73
CA GLU A 104 -1.35 -2.74 -10.36
C GLU A 104 -1.58 -1.33 -10.86
N GLU A 105 -2.71 -1.13 -11.53
CA GLU A 105 -3.06 0.19 -12.03
C GLU A 105 -3.13 1.22 -10.90
N LEU A 106 -3.77 0.87 -9.79
CA LEU A 106 -3.85 1.78 -8.66
C LEU A 106 -2.47 2.06 -8.07
N ILE A 107 -1.60 1.07 -8.05
CA ILE A 107 -0.26 1.26 -7.51
C ILE A 107 0.55 2.27 -8.33
N VAL A 108 0.39 2.25 -9.65
CA VAL A 108 1.26 3.10 -10.48
C VAL A 108 0.60 4.41 -10.90
N THR A 109 -0.61 4.68 -10.38
CA THR A 109 -1.34 5.90 -10.71
C THR A 109 -1.48 6.76 -9.45
N LYS A 110 -1.08 8.03 -9.53
CA LYS A 110 -1.03 8.91 -8.35
C LYS A 110 -0.25 8.24 -7.20
N SER A 111 0.90 7.68 -7.56
CA SER A 111 1.71 6.91 -6.63
C SER A 111 2.39 7.74 -5.55
N TRP A 112 2.32 7.24 -4.32
CA TRP A 112 3.15 7.73 -3.23
C TRP A 112 3.07 6.66 -2.14
N TRP A 113 3.78 6.84 -1.03
CA TRP A 113 3.92 5.74 -0.07
C TRP A 113 2.59 5.47 0.65
N ASP A 114 1.75 6.49 0.77
CA ASP A 114 0.51 6.35 1.53
C ASP A 114 -0.46 5.43 0.78
N SER A 115 -0.71 5.68 -0.51
CA SER A 115 -1.62 4.81 -1.26
C SER A 115 -1.03 3.43 -1.47
N VAL A 116 0.26 3.38 -1.83
CA VAL A 116 0.83 2.11 -2.22
C VAL A 116 0.87 1.16 -1.01
N ASP A 117 1.27 1.68 0.14
CA ASP A 117 1.36 0.85 1.35
C ASP A 117 -0.04 0.42 1.80
N SER A 118 -1.06 1.19 1.45
CA SER A 118 -2.43 0.79 1.81
C SER A 118 -3.04 -0.25 0.86
N ILE A 119 -2.43 -0.42 -0.30
CA ILE A 119 -2.88 -1.44 -1.27
C ILE A 119 -2.19 -2.77 -1.05
N VAL A 120 -0.90 -2.73 -0.75
CA VAL A 120 -0.04 -3.90 -0.93
C VAL A 120 -0.13 -5.02 0.15
N PRO A 121 0.19 -4.76 1.43
CA PRO A 121 0.22 -5.89 2.39
C PRO A 121 -1.15 -6.49 2.74
N THR A 122 -2.22 -5.74 2.53
CA THR A 122 -3.55 -6.24 2.80
C THR A 122 -4.15 -6.86 1.55
N PHE A 123 -4.45 -6.05 0.54
CA PHE A 123 -5.15 -6.59 -0.64
C PHE A 123 -4.30 -7.57 -1.47
N LEU A 124 -3.08 -7.21 -1.83
CA LEU A 124 -2.22 -8.15 -2.55
C LEU A 124 -1.72 -9.25 -1.65
N GLY A 125 -1.42 -8.92 -0.40
CA GLY A 125 -1.01 -9.94 0.54
C GLY A 125 -2.06 -11.05 0.62
N ASP A 126 -3.32 -10.69 0.74
CA ASP A 126 -4.35 -11.69 0.85
C ASP A 126 -4.54 -12.49 -0.44
N ILE A 127 -4.52 -11.83 -1.58
CA ILE A 127 -4.68 -12.54 -2.85
C ILE A 127 -3.58 -13.58 -3.03
N PHE A 128 -2.33 -13.19 -2.78
CA PHE A 128 -1.22 -14.14 -3.02
C PHE A 128 -1.11 -15.24 -1.92
N LEU A 129 -1.72 -15.04 -0.75
CA LEU A 129 -1.86 -16.14 0.22
C LEU A 129 -2.78 -17.23 -0.33
N LYS A 130 -3.83 -16.82 -1.04
CA LYS A 130 -4.75 -17.79 -1.60
C LYS A 130 -4.23 -18.38 -2.93
N HIS A 131 -3.40 -17.61 -3.65
CA HIS A 131 -2.92 -17.97 -4.97
C HIS A 131 -1.42 -17.84 -5.09
N PRO A 132 -0.67 -18.60 -4.27
CA PRO A 132 0.78 -18.39 -4.29
C PRO A 132 1.44 -18.88 -5.57
N GLU A 133 0.75 -19.70 -6.33
CA GLU A 133 1.25 -20.16 -7.62
C GLU A 133 1.18 -19.05 -8.71
N LEU A 134 0.60 -17.89 -8.38
CA LEU A 134 0.54 -16.77 -9.32
C LEU A 134 1.61 -15.73 -9.05
N ILE A 135 2.37 -15.90 -7.96
CA ILE A 135 3.36 -14.91 -7.60
C ILE A 135 4.39 -14.73 -8.72
N SER A 136 4.79 -15.83 -9.35
CA SER A 136 5.83 -15.75 -10.37
C SER A 136 5.38 -15.03 -11.63
N ALA A 137 4.07 -14.87 -11.83
CA ALA A 137 3.53 -14.11 -12.97
C ALA A 137 3.57 -12.59 -12.73
N TYR A 138 3.81 -12.17 -11.49
CA TYR A 138 3.80 -10.76 -11.14
C TYR A 138 5.07 -10.24 -10.49
N ILE A 139 5.59 -10.91 -9.46
CA ILE A 139 6.66 -10.33 -8.69
C ILE A 139 7.94 -10.11 -9.54
N PRO A 140 8.35 -11.12 -10.34
CA PRO A 140 9.55 -10.82 -11.15
C PRO A 140 9.36 -9.66 -12.16
N LYS A 141 8.20 -9.61 -12.79
CA LYS A 141 7.83 -8.49 -13.64
C LYS A 141 7.92 -7.14 -12.91
N TRP A 142 7.38 -7.07 -11.70
CA TRP A 142 7.40 -5.83 -10.91
C TRP A 142 8.85 -5.43 -10.59
N ILE A 143 9.69 -6.41 -10.26
CA ILE A 143 11.08 -6.12 -9.92
C ILE A 143 11.79 -5.55 -11.13
N ALA A 144 11.56 -6.17 -12.29
CA ALA A 144 12.21 -5.78 -13.54
C ALA A 144 11.66 -4.46 -14.16
N SER A 145 10.51 -3.98 -13.67
CA SER A 145 9.83 -2.84 -14.27
C SER A 145 10.54 -1.50 -14.07
N ASP A 146 11.40 -1.41 -13.07
CA ASP A 146 12.03 -0.14 -12.66
C ASP A 146 11.00 0.90 -12.19
N ASN A 147 9.77 0.47 -11.96
CA ASN A 147 8.80 1.34 -11.29
C ASN A 147 8.95 1.14 -9.79
N ILE A 148 9.32 2.18 -9.04
CA ILE A 148 9.73 1.94 -7.65
C ILE A 148 8.54 1.50 -6.79
N TRP A 149 7.32 1.81 -7.20
CA TRP A 149 6.14 1.45 -6.40
C TRP A 149 5.75 0.00 -6.63
N LEU A 150 5.89 -0.51 -7.85
CA LEU A 150 5.76 -1.98 -8.05
C LEU A 150 6.91 -2.74 -7.39
N GLN A 151 8.11 -2.17 -7.37
CA GLN A 151 9.22 -2.81 -6.66
C GLN A 151 8.95 -2.86 -5.16
N ARG A 152 8.40 -1.78 -4.61
CA ARG A 152 8.07 -1.77 -3.19
C ARG A 152 6.92 -2.74 -2.91
N ALA A 153 6.02 -2.91 -3.88
CA ALA A 153 4.94 -3.89 -3.75
C ALA A 153 5.52 -5.31 -3.66
N ALA A 154 6.56 -5.59 -4.44
CA ALA A 154 7.16 -6.93 -4.45
C ALA A 154 7.78 -7.22 -3.08
N ILE A 155 8.30 -6.16 -2.46
CA ILE A 155 8.95 -6.27 -1.13
C ILE A 155 7.90 -6.43 -0.03
N LEU A 156 6.86 -5.60 -0.05
CA LEU A 156 5.98 -5.50 1.08
C LEU A 156 4.71 -6.36 1.04
N PHE A 157 4.45 -7.10 -0.03
CA PHE A 157 3.16 -7.83 -0.06
C PHE A 157 3.12 -8.89 1.05
N GLN A 158 4.27 -9.29 1.56
CA GLN A 158 4.36 -10.31 2.61
C GLN A 158 4.55 -9.68 3.99
N LEU A 159 4.52 -8.35 4.08
CA LEU A 159 4.84 -7.67 5.35
C LEU A 159 4.10 -8.17 6.57
N LYS A 160 2.82 -8.51 6.41
CA LYS A 160 1.98 -8.93 7.53
C LYS A 160 1.88 -10.44 7.70
N TYR A 161 2.71 -11.19 6.98
CA TYR A 161 2.57 -12.63 6.92
C TYR A 161 2.97 -13.36 8.23
N LYS A 162 3.93 -12.78 8.96
CA LYS A 162 4.45 -13.39 10.19
C LYS A 162 4.86 -14.84 9.89
N GLN A 163 4.29 -15.83 10.57
CA GLN A 163 4.70 -17.25 10.38
C GLN A 163 4.41 -17.80 8.99
N LYS A 164 3.63 -17.07 8.20
CA LYS A 164 3.32 -17.50 6.83
C LYS A 164 4.40 -17.07 5.82
N MET A 165 5.34 -16.25 6.25
CA MET A 165 6.37 -15.72 5.35
C MET A 165 7.06 -16.81 4.55
N ASP A 166 7.19 -16.61 3.24
CA ASP A 166 8.02 -17.47 2.39
C ASP A 166 9.42 -16.90 2.43
N GLU A 167 10.24 -17.45 3.32
CA GLU A 167 11.58 -16.91 3.59
C GLU A 167 12.50 -16.87 2.38
N GLU A 168 12.53 -17.95 1.61
CA GLU A 168 13.44 -18.01 0.46
CA GLU A 168 13.45 -18.01 0.48
C GLU A 168 13.01 -17.01 -0.59
N LEU A 169 11.70 -16.82 -0.74
CA LEU A 169 11.17 -15.82 -1.68
C LEU A 169 11.50 -14.39 -1.23
N LEU A 170 11.26 -14.08 0.05
CA LEU A 170 11.58 -12.77 0.60
C LEU A 170 13.04 -12.41 0.33
N PHE A 171 13.94 -13.32 0.68
CA PHE A 171 15.38 -13.07 0.53
C PHE A 171 15.79 -12.95 -0.94
N TRP A 172 15.17 -13.73 -1.84
CA TRP A 172 15.43 -13.54 -3.27
C TRP A 172 15.01 -12.15 -3.75
N ILE A 173 13.81 -11.72 -3.37
CA ILE A 173 13.31 -10.39 -3.76
C ILE A 173 14.24 -9.34 -3.27
N ILE A 174 14.63 -9.44 -2.01
CA ILE A 174 15.47 -8.40 -1.44
C ILE A 174 16.82 -8.38 -2.15
N GLY A 175 17.40 -9.55 -2.43
CA GLY A 175 18.66 -9.61 -3.13
C GLY A 175 18.60 -8.97 -4.49
N GLN A 176 17.45 -9.06 -5.15
CA GLN A 176 17.29 -8.48 -6.47
C GLN A 176 17.23 -6.96 -6.39
N LEU A 177 16.82 -6.42 -5.24
CA LEU A 177 16.60 -4.98 -5.12
C LEU A 177 17.59 -4.25 -4.18
N HIS A 178 18.53 -5.00 -3.60
CA HIS A 178 19.38 -4.41 -2.57
C HIS A 178 20.29 -3.31 -3.11
N SER A 179 20.61 -3.34 -4.40
CA SER A 179 21.50 -2.33 -4.97
CA SER A 179 21.49 -2.35 -5.01
C SER A 179 20.75 -1.11 -5.52
N SER A 180 19.45 -1.02 -5.26
CA SER A 180 18.68 0.17 -5.63
C SER A 180 19.16 1.37 -4.83
N LYS A 181 19.33 2.51 -5.53
CA LYS A 181 19.66 3.80 -4.92
C LYS A 181 18.46 4.43 -4.24
N GLU A 182 17.28 3.89 -4.49
CA GLU A 182 16.02 4.57 -4.17
C GLU A 182 15.67 4.49 -2.69
N PHE A 183 15.43 5.65 -2.09
CA PHE A 183 15.02 5.69 -0.69
C PHE A 183 13.86 4.71 -0.40
N PHE A 184 12.80 4.74 -1.20
CA PHE A 184 11.60 3.98 -0.83
C PHE A 184 11.81 2.48 -0.99
N ILE A 185 12.83 2.09 -1.75
CA ILE A 185 13.24 0.67 -1.83
C ILE A 185 14.16 0.28 -0.69
N GLN A 186 15.24 1.03 -0.45
CA GLN A 186 16.12 0.75 0.70
C GLN A 186 15.32 0.68 1.99
N LYS A 187 14.40 1.62 2.19
CA LYS A 187 13.62 1.69 3.41
C LYS A 187 12.63 0.52 3.53
N ALA A 188 11.98 0.15 2.44
CA ALA A 188 11.06 -1.00 2.46
C ALA A 188 11.76 -2.30 2.82
N ILE A 189 12.99 -2.48 2.32
CA ILE A 189 13.78 -3.65 2.68
C ILE A 189 14.05 -3.67 4.18
N GLY A 190 14.48 -2.54 4.73
CA GLY A 190 14.69 -2.43 6.17
C GLY A 190 13.43 -2.74 6.97
N TRP A 191 12.30 -2.21 6.51
CA TRP A 191 11.01 -2.40 7.20
C TRP A 191 10.61 -3.86 7.21
N VAL A 192 10.63 -4.51 6.04
CA VAL A 192 10.15 -5.89 5.97
C VAL A 192 11.07 -6.84 6.74
N LEU A 193 12.38 -6.57 6.75
CA LEU A 193 13.30 -7.40 7.51
C LEU A 193 13.11 -7.19 9.00
N ARG A 194 12.94 -5.94 9.42
CA ARG A 194 12.72 -5.66 10.84
C ARG A 194 11.43 -6.34 11.29
N GLU A 195 10.41 -6.29 10.46
CA GLU A 195 9.12 -6.84 10.85
C GLU A 195 9.18 -8.38 10.91
N TYR A 196 9.81 -8.99 9.90
CA TYR A 196 9.88 -10.43 9.89
C TYR A 196 10.76 -10.89 11.05
N ALA A 197 11.73 -10.07 11.46
CA ALA A 197 12.58 -10.44 12.60
C ALA A 197 11.81 -10.56 13.90
N LYS A 198 10.63 -9.96 13.95
CA LYS A 198 9.75 -10.14 15.09
C LYS A 198 9.25 -11.60 15.18
N THR A 199 9.21 -12.29 14.04
CA THR A 199 8.76 -13.69 13.96
C THR A 199 9.92 -14.69 13.94
N ASN A 200 10.94 -14.40 13.12
CA ASN A 200 12.01 -15.35 12.83
C ASN A 200 13.35 -14.61 12.88
N PRO A 201 13.75 -14.19 14.08
CA PRO A 201 14.90 -13.27 14.21
C PRO A 201 16.21 -13.91 13.79
N ASP A 202 16.39 -15.20 14.05
CA ASP A 202 17.66 -15.85 13.72
C ASP A 202 17.93 -15.86 12.21
N VAL A 203 16.92 -16.10 11.38
CA VAL A 203 17.18 -16.15 9.94
C VAL A 203 17.38 -14.75 9.38
N VAL A 204 16.73 -13.75 9.95
CA VAL A 204 17.01 -12.38 9.51
C VAL A 204 18.44 -11.99 9.90
N TRP A 205 18.86 -12.32 11.12
CA TRP A 205 20.25 -12.03 11.50
C TRP A 205 21.25 -12.71 10.56
N GLU A 206 21.05 -14.00 10.29
CA GLU A 206 21.95 -14.71 9.39
C GLU A 206 21.93 -14.04 8.02
N TYR A 207 20.76 -13.64 7.53
CA TYR A 207 20.70 -13.03 6.21
C TYR A 207 21.50 -11.74 6.20
N VAL A 208 21.30 -10.90 7.19
CA VAL A 208 21.93 -9.60 7.21
C VAL A 208 23.44 -9.70 7.42
N GLN A 209 23.92 -10.74 8.09
CA GLN A 209 25.35 -10.89 8.31
C GLN A 209 26.08 -11.55 7.12
N ASN A 210 25.34 -12.01 6.12
CA ASN A 210 25.95 -12.78 5.02
C ASN A 210 25.56 -12.33 3.61
N ASN A 211 24.79 -11.25 3.51
CA ASN A 211 24.34 -10.73 2.24
C ASN A 211 24.38 -9.22 2.26
N GLU A 212 24.83 -8.65 1.15
CA GLU A 212 24.98 -7.22 1.02
C GLU A 212 23.65 -6.48 1.08
N LEU A 213 23.67 -5.36 1.81
CA LEU A 213 22.52 -4.44 1.93
C LEU A 213 23.04 -3.02 2.00
N ALA A 214 22.22 -2.06 1.54
CA ALA A 214 22.52 -0.65 1.77
C ALA A 214 22.56 -0.46 3.28
N PRO A 215 23.36 0.50 3.76
CA PRO A 215 23.52 0.66 5.21
C PRO A 215 22.20 1.08 5.89
N LEU A 216 21.38 1.89 5.22
CA LEU A 216 20.05 2.20 5.77
C LEU A 216 19.26 0.93 5.99
N SER A 217 19.25 0.05 4.99
CA SER A 217 18.46 -1.18 5.08
C SER A 217 18.93 -2.07 6.23
N LYS A 218 20.25 -2.22 6.32
CA LYS A 218 20.84 -3.10 7.35
C LYS A 218 20.58 -2.53 8.73
N ARG A 219 20.81 -1.24 8.93
CA ARG A 219 20.58 -0.61 10.22
C ARG A 219 19.12 -0.78 10.65
N GLU A 220 18.20 -0.50 9.73
CA GLU A 220 16.78 -0.56 10.07
C GLU A 220 16.34 -1.99 10.37
N ALA A 221 16.92 -2.94 9.65
CA ALA A 221 16.56 -4.34 9.81
C ALA A 221 16.83 -4.85 11.22
N ILE A 222 17.94 -4.41 11.79
CA ILE A 222 18.44 -5.01 13.04
C ILE A 222 18.21 -4.14 14.29
N LYS A 223 17.44 -3.08 14.17
CA LYS A 223 17.40 -2.12 15.26
C LYS A 223 16.83 -2.71 16.56
N HIS A 224 16.04 -3.78 16.48
CA HIS A 224 15.49 -4.41 17.68
C HIS A 224 16.19 -5.69 18.12
N ILE A 225 16.93 -6.35 17.23
CA ILE A 225 17.52 -7.64 17.57
C ILE A 225 19.03 -7.63 17.79
N LYS A 226 19.68 -6.51 17.44
CA LYS A 226 21.14 -6.45 17.45
C LYS A 226 21.69 -6.67 18.87
N GLN A 227 20.95 -6.22 19.88
CA GLN A 227 21.43 -6.38 21.25
C GLN A 227 21.42 -7.83 21.74
N ASN A 228 20.92 -8.74 20.90
CA ASN A 228 20.88 -10.16 21.28
C ASN A 228 22.04 -10.98 20.75
N TYR A 229 22.99 -10.35 20.07
CA TYR A 229 24.09 -11.08 19.41
C TYR A 229 25.44 -10.44 19.72
C1 ORP B 6 4.85 4.26 7.45
O1 ORP B 6 3.75 3.59 6.88
C2 ORP B 6 5.59 5.10 6.37
C3 ORP B 6 7.04 4.56 6.39
O3 ORP B 6 7.45 4.54 5.02
C4 ORP B 6 6.81 3.12 6.92
O4 ORP B 6 5.79 3.29 7.92
C5 ORP B 6 8.04 2.43 7.51
O5 ORP B 6 8.58 3.18 8.59
P ORP B 6 9.44 2.30 9.62
O1P ORP B 6 10.47 1.36 8.91
O2P ORP B 6 9.98 3.25 10.61
H1 ORP B 6 4.52 4.89 8.26
HO1 ORP B 6 3.97 2.64 6.86
H21 ORP B 6 5.14 4.95 5.38
H22 ORP B 6 5.57 6.16 6.64
H3 ORP B 6 7.70 5.14 7.03
H4 ORP B 6 6.41 2.50 6.11
H51 ORP B 6 7.76 1.45 7.85
H52 ORP B 6 8.80 2.33 6.72
CA CA D . 13.15 6.30 11.01
N1 YTA E . 4.88 9.17 12.64
C2 YTA E . 4.06 9.19 11.60
N3 YTA E . 4.16 8.42 10.52
C3M YTA E . 3.17 8.55 9.42
C4 YTA E . 5.24 7.56 10.50
C5 YTA E . 6.14 7.49 11.58
C6 YTA E . 5.94 8.32 12.69
N6 YTA E . 6.69 8.37 13.79
N7 YTA E . 7.11 6.53 11.29
C8 YTA E . 6.74 6.12 10.08
N9 YTA E . 5.60 6.70 9.54
C01 YTA E . 2.56 1.06 10.93
N01 YTA E . 1.00 2.44 8.02
O01 YTA E . 2.01 -2.20 9.47
C02 YTA E . 1.42 0.00 8.55
O02 YTA E . 3.04 -1.23 11.60
C03 YTA E . 2.52 -0.31 10.71
C04 YTA E . 2.01 1.91 9.95
C05 YTA E . 1.46 1.39 8.76
C06 YTA E . 1.96 -0.81 9.52
C07 YTA E . 1.27 3.62 8.69
C08 YTA E . 1.87 3.32 9.90
C09 YTA E . 0.79 4.81 7.93
C33 YTA E . 1.29 -2.75 8.37
O03 YTA E . 0.10 4.57 6.95
N02 YTA E . 1.10 6.10 8.37
C10 YTA E . 1.74 6.39 9.68
C11 YTA E . 0.54 7.29 7.85
C12 YTA E . -0.23 7.50 6.68
C13 YTA E . 0.87 8.35 8.66
C14 YTA E . 1.76 7.94 9.79
C15 YTA E . -0.67 8.76 6.36
C16 YTA E . -0.33 9.85 7.18
C17 YTA E . 0.45 9.66 8.34
C18 YTA E . -0.06 11.83 8.21
C19 YTA E . 0.60 10.92 8.99
C20 YTA E . -0.26 13.30 8.30
N03 YTA E . -0.61 11.20 7.10
O YTA E . -1.43 9.02 5.22
O04 YTA E . -1.14 13.85 7.61
N04 YTA E . 0.57 13.98 9.15
O05 YTA E . 2.11 21.41 11.99
C21 YTA E . 1.83 13.52 9.81
C22 YTA E . 2.64 14.82 10.05
C23 YTA E . 0.34 15.34 9.59
C24 YTA E . 1.52 15.83 10.10
C25 YTA E . 1.57 17.12 10.61
C26 YTA E . -0.84 16.11 9.55
C27 YTA E . -0.81 17.40 10.06
C28 YTA E . 0.38 17.91 10.58
C29 YTA E . 2.61 17.89 11.21
C30 YTA E . 2.05 19.11 11.51
C31 YTA E . 2.61 20.29 12.13
C32 YTA E . 4.89 21.61 13.16
N YTA E . 0.71 19.12 11.14
O47 YTA E . -2.04 15.65 9.07
O48 YTA E . -2.04 18.10 9.99
C49 YTA E . -2.21 19.25 10.90
S YTA E . 4.10 19.90 13.15
H21 YTA E . 3.21 9.87 11.63
H3M2 YTA E . 3.06 9.62 9.21
H3M1 YTA E . 3.57 8.04 8.55
H63 YTA E . 7.51 7.77 13.86
H62 YTA E . 6.46 9.02 14.53
H82 YTA E . 7.26 5.35 9.54
H012 YTA E . 2.99 1.44 11.85
H013 YTA E . 0.55 2.45 7.12
H021 YTA E . 0.99 -0.41 7.64
H023 YTA E . 2.88 -0.86 12.51
H081 YTA E . 2.23 4.00 10.66
H331 YTA E . 1.30 -3.84 8.42
H333 YTA E . 1.75 -2.44 7.43
H332 YTA E . 0.25 -2.40 8.40
H101 YTA E . 2.76 6.00 9.70
H102 YTA E . 1.14 5.93 10.47
H121 YTA E . -0.45 6.63 6.07
H141 YTA E . 1.43 8.30 10.76
H191 YTA E . 1.17 11.12 9.87
H033 YTA E . -1.17 11.69 6.42
HO1 YTA E . -1.13 8.47 4.46
H211 YTA E . 2.34 12.81 9.17
H212 YTA E . 1.59 13.05 10.76
H221 YTA E . 3.32 15.04 9.21
H222 YTA E . 3.20 14.78 10.99
H292 YTA E . 3.63 17.59 11.37
H321 YTA E . 5.33 21.80 14.12
H323 YTA E . 4.12 22.35 12.95
H322 YTA E . 5.65 21.66 12.38
HN1 YTA E . 0.10 19.92 11.28
H471 YTA E . -1.88 15.41 8.12
H492 YTA E . -3.27 19.45 11.04
H493 YTA E . -1.72 20.13 10.49
H491 YTA E . -1.75 19.01 11.87
#